data_3UH8
#
_entry.id   3UH8
#
_cell.length_a   41.060
_cell.length_b   41.060
_cell.length_c   54.780
_cell.angle_alpha   90.00
_cell.angle_beta   90.00
_cell.angle_gamma   120.00
#
_symmetry.space_group_name_H-M   'P 31'
#
loop_
_entity.id
_entity.type
_entity.pdbx_description
1 polymer ORF48
2 water water
#
_entity_poly.entity_id   1
_entity_poly.type   'polypeptide(L)'
_entity_poly.pdbx_seq_one_letter_code
;MTEHFITLSTTEPNNNIGIVKLRHADVNSQAIVAQIVENGQPKNFEGLQPFFCLMAQEATGQGVSEESVVSFDAKNGTLK
YVASDNALQFVGRNEAYFSFRKQEGGRWIEQFSTRTFHYIVEKSIYSQ
;
_entity_poly.pdbx_strand_id   A
#
# COMPACT_ATOMS: atom_id res chain seq x y z
N MET A 1 5.99 -7.54 -15.55
CA MET A 1 5.98 -6.17 -15.06
C MET A 1 7.05 -5.85 -14.04
N THR A 2 6.95 -4.67 -13.38
CA THR A 2 7.91 -4.23 -12.37
C THR A 2 7.37 -4.30 -10.95
N GLU A 3 8.28 -4.51 -9.98
CA GLU A 3 7.95 -4.59 -8.56
C GLU A 3 8.80 -3.64 -7.72
N HIS A 4 8.19 -3.06 -6.67
CA HIS A 4 8.85 -2.10 -5.78
C HIS A 4 8.72 -2.52 -4.32
N PHE A 5 9.82 -3.05 -3.74
CA PHE A 5 9.84 -3.54 -2.36
C PHE A 5 10.19 -2.47 -1.32
N ILE A 6 9.32 -2.33 -0.31
CA ILE A 6 9.45 -1.41 0.82
C ILE A 6 8.91 -2.05 2.11
N THR A 7 9.42 -1.60 3.28
CA THR A 7 9.00 -2.07 4.60
C THR A 7 8.20 -0.94 5.26
N LEU A 8 6.92 -1.20 5.58
CA LEU A 8 6.04 -0.20 6.19
C LEU A 8 5.70 -0.50 7.63
N SER A 9 5.80 0.53 8.49
CA SER A 9 5.53 0.45 9.93
C SER A 9 4.17 1.02 10.32
N THR A 10 3.60 0.48 11.41
CA THR A 10 2.32 0.92 11.99
C THR A 10 2.57 1.82 13.20
N THR A 11 3.74 1.64 13.83
CA THR A 11 4.20 2.40 14.99
C THR A 11 5.07 3.59 14.57
N GLU A 12 6.08 3.36 13.72
CA GLU A 12 7.07 4.35 13.28
C GLU A 12 6.75 5.15 11.98
N PRO A 13 7.40 6.30 11.74
CA PRO A 13 7.18 7.02 10.49
C PRO A 13 7.70 6.26 9.29
N ASN A 14 7.07 6.42 8.10
CA ASN A 14 7.50 5.71 6.91
C ASN A 14 8.25 6.61 5.91
N ASN A 15 8.93 7.67 6.42
CA ASN A 15 9.72 8.62 5.59
C ASN A 15 11.13 8.14 5.20
N ASN A 16 11.63 7.05 5.80
CA ASN A 16 12.98 6.51 5.55
C ASN A 16 13.02 5.38 4.52
N ILE A 17 11.85 4.92 4.05
CA ILE A 17 11.67 3.82 3.08
C ILE A 17 12.37 4.09 1.74
N GLY A 18 12.55 3.03 0.95
CA GLY A 18 13.12 3.13 -0.40
C GLY A 18 12.22 3.93 -1.31
N ILE A 19 12.81 4.68 -2.24
CA ILE A 19 12.04 5.55 -3.14
C ILE A 19 11.37 4.78 -4.29
N VAL A 20 10.04 4.66 -4.22
CA VAL A 20 9.21 3.98 -5.23
C VAL A 20 8.95 4.97 -6.37
N LYS A 21 9.44 4.64 -7.58
CA LYS A 21 9.26 5.47 -8.76
C LYS A 21 8.45 4.74 -9.83
N LEU A 22 7.16 5.08 -9.92
CA LEU A 22 6.22 4.47 -10.88
C LEU A 22 6.14 5.27 -12.19
N ARG A 23 5.65 4.62 -13.26
CA ARG A 23 5.50 5.24 -14.58
C ARG A 23 4.03 5.39 -14.92
N HIS A 24 3.65 6.63 -15.25
CA HIS A 24 2.29 7.06 -15.57
C HIS A 24 1.52 6.28 -16.65
N ALA A 25 2.04 6.21 -17.88
CA ALA A 25 1.36 5.55 -18.99
C ALA A 25 1.94 4.17 -19.37
N ASP A 26 2.51 3.45 -18.37
CA ASP A 26 3.14 2.14 -18.54
C ASP A 26 2.26 1.10 -19.23
N VAL A 27 2.88 0.40 -20.20
CA VAL A 27 2.31 -0.68 -21.01
C VAL A 27 2.11 -1.92 -20.12
N ASN A 28 3.09 -2.19 -19.23
CA ASN A 28 3.10 -3.33 -18.32
C ASN A 28 2.70 -3.02 -16.88
N SER A 29 2.43 -4.09 -16.10
CA SER A 29 2.01 -3.97 -14.71
CA SER A 29 2.04 -4.09 -14.68
C SER A 29 3.11 -3.44 -13.79
N GLN A 30 2.70 -2.73 -12.74
CA GLN A 30 3.59 -2.09 -11.76
C GLN A 30 3.03 -2.38 -10.38
N ALA A 31 3.82 -3.03 -9.53
CA ALA A 31 3.35 -3.39 -8.20
C ALA A 31 4.25 -2.97 -7.06
N ILE A 32 3.62 -2.64 -5.91
CA ILE A 32 4.31 -2.26 -4.67
CA ILE A 32 4.34 -2.29 -4.69
C ILE A 32 4.27 -3.48 -3.73
N VAL A 33 5.43 -4.07 -3.44
CA VAL A 33 5.55 -5.22 -2.54
C VAL A 33 5.89 -4.62 -1.19
N ALA A 34 5.00 -4.80 -0.19
CA ALA A 34 5.22 -4.20 1.12
C ALA A 34 5.32 -5.19 2.27
N GLN A 35 6.34 -5.01 3.13
CA GLN A 35 6.55 -5.79 4.36
C GLN A 35 5.94 -4.98 5.50
N ILE A 36 4.84 -5.47 6.10
CA ILE A 36 4.17 -4.81 7.22
C ILE A 36 4.97 -5.09 8.49
N VAL A 37 5.23 -4.01 9.22
CA VAL A 37 6.05 -4.03 10.41
C VAL A 37 5.37 -3.31 11.59
N GLU A 38 5.55 -3.87 12.78
CA GLU A 38 5.06 -3.31 14.04
C GLU A 38 6.23 -3.41 15.01
N ASN A 39 6.83 -2.24 15.35
CA ASN A 39 8.01 -2.10 16.21
C ASN A 39 9.28 -2.75 15.63
N GLY A 40 9.43 -2.68 14.30
CA GLY A 40 10.58 -3.23 13.58
C GLY A 40 10.54 -4.73 13.35
N GLN A 41 9.37 -5.35 13.54
CA GLN A 41 9.17 -6.79 13.34
C GLN A 41 7.89 -7.06 12.54
N PRO A 42 7.84 -8.14 11.70
CA PRO A 42 6.64 -8.40 10.89
C PRO A 42 5.31 -8.41 11.66
N LYS A 43 4.26 -7.88 11.03
CA LYS A 43 2.93 -7.80 11.60
C LYS A 43 1.98 -8.81 10.99
N ASN A 44 1.45 -9.68 11.84
CA ASN A 44 0.46 -10.68 11.47
C ASN A 44 -0.88 -9.96 11.26
N PHE A 45 -1.50 -10.15 10.10
CA PHE A 45 -2.81 -9.55 9.85
C PHE A 45 -3.79 -10.64 9.38
N GLU A 46 -3.68 -11.82 10.02
CA GLU A 46 -4.51 -13.01 9.78
C GLU A 46 -5.95 -12.68 10.10
N GLY A 47 -6.83 -12.99 9.15
CA GLY A 47 -8.25 -12.72 9.26
C GLY A 47 -8.61 -11.29 8.87
N LEU A 48 -7.62 -10.51 8.41
CA LEU A 48 -7.80 -9.13 7.96
C LEU A 48 -7.44 -8.96 6.50
N GLN A 49 -8.17 -8.08 5.81
CA GLN A 49 -8.01 -7.77 4.40
C GLN A 49 -7.31 -6.41 4.23
N PRO A 50 -6.16 -6.36 3.52
CA PRO A 50 -5.48 -5.06 3.33
C PRO A 50 -6.13 -4.21 2.24
N PHE A 51 -6.15 -2.89 2.47
CA PHE A 51 -6.72 -1.93 1.54
C PHE A 51 -5.74 -0.81 1.21
N PHE A 52 -5.62 -0.48 -0.07
CA PHE A 52 -4.75 0.60 -0.53
C PHE A 52 -5.57 1.89 -0.47
N CYS A 53 -5.19 2.80 0.44
CA CYS A 53 -5.88 4.07 0.61
C CYS A 53 -5.00 5.21 0.09
N LEU A 54 -5.29 5.68 -1.13
CA LEU A 54 -4.57 6.79 -1.75
C LEU A 54 -5.17 8.08 -1.22
N MET A 55 -4.35 9.01 -0.76
CA MET A 55 -4.85 10.25 -0.21
C MET A 55 -5.03 11.38 -1.24
N ALA A 56 -6.17 12.05 -1.13
CA ALA A 56 -6.50 13.20 -1.98
C ALA A 56 -5.68 14.38 -1.49
N GLN A 57 -5.04 15.06 -2.44
CA GLN A 57 -4.26 16.26 -2.15
C GLN A 57 -5.13 17.49 -2.38
N GLU A 58 -4.78 18.59 -1.71
CA GLU A 58 -5.46 19.87 -1.72
C GLU A 58 -5.44 20.60 -3.07
N VAL A 64 -10.11 10.97 -1.66
CA VAL A 64 -9.50 9.72 -1.20
C VAL A 64 -9.97 8.55 -2.05
N SER A 65 -9.05 7.60 -2.34
CA SER A 65 -9.36 6.42 -3.15
C SER A 65 -8.97 5.13 -2.43
N GLU A 66 -9.96 4.24 -2.24
CA GLU A 66 -9.76 2.95 -1.58
C GLU A 66 -9.88 1.80 -2.54
N GLU A 67 -8.90 0.89 -2.51
CA GLU A 67 -8.85 -0.29 -3.37
C GLU A 67 -8.39 -1.49 -2.57
N SER A 68 -9.10 -2.62 -2.71
CA SER A 68 -8.74 -3.86 -2.04
C SER A 68 -7.50 -4.48 -2.68
N VAL A 69 -6.52 -4.86 -1.85
CA VAL A 69 -5.27 -5.48 -2.28
C VAL A 69 -5.57 -6.96 -2.60
N VAL A 70 -5.17 -7.42 -3.80
CA VAL A 70 -5.44 -8.77 -4.28
C VAL A 70 -4.58 -9.84 -3.59
N SER A 71 -3.25 -9.75 -3.71
CA SER A 71 -2.33 -10.74 -3.13
C SER A 71 -1.66 -10.30 -1.84
N PHE A 72 -1.66 -11.20 -0.83
CA PHE A 72 -1.06 -10.96 0.49
C PHE A 72 -0.77 -12.23 1.26
N ASP A 73 0.31 -12.20 2.05
CA ASP A 73 0.72 -13.27 2.95
C ASP A 73 0.60 -12.66 4.35
N ALA A 74 -0.62 -12.79 4.94
CA ALA A 74 -0.97 -12.25 6.27
C ALA A 74 -0.06 -12.76 7.39
N LYS A 75 0.37 -14.04 7.31
CA LYS A 75 1.24 -14.70 8.28
C LYS A 75 2.64 -14.07 8.31
N ASN A 76 3.27 -13.87 7.12
CA ASN A 76 4.60 -13.29 6.99
C ASN A 76 4.60 -11.74 6.95
N GLY A 77 3.40 -11.17 7.01
CA GLY A 77 3.19 -9.73 7.00
C GLY A 77 3.54 -9.04 5.69
N THR A 78 3.30 -9.72 4.55
CA THR A 78 3.59 -9.15 3.23
C THR A 78 2.36 -8.97 2.38
N LEU A 79 2.42 -8.00 1.45
CA LEU A 79 1.36 -7.72 0.50
C LEU A 79 1.91 -7.26 -0.84
N LYS A 80 1.14 -7.48 -1.91
CA LYS A 80 1.48 -7.06 -3.26
C LYS A 80 0.31 -6.27 -3.82
N TYR A 81 0.48 -4.95 -4.01
CA TYR A 81 -0.55 -4.08 -4.57
C TYR A 81 -0.18 -3.68 -6.00
N VAL A 82 -1.07 -3.95 -6.97
CA VAL A 82 -0.85 -3.58 -8.37
C VAL A 82 -1.37 -2.15 -8.56
N ALA A 83 -0.48 -1.22 -8.94
CA ALA A 83 -0.82 0.19 -9.15
C ALA A 83 -1.93 0.35 -10.19
N SER A 84 -3.08 0.88 -9.73
CA SER A 84 -4.25 1.14 -10.57
C SER A 84 -4.01 2.40 -11.39
N ASP A 85 -4.91 2.71 -12.34
CA ASP A 85 -4.81 3.93 -13.13
C ASP A 85 -4.97 5.17 -12.24
N ASN A 86 -5.76 5.04 -11.15
CA ASN A 86 -5.99 6.09 -10.15
C ASN A 86 -4.71 6.38 -9.36
N ALA A 87 -3.98 5.32 -8.97
CA ALA A 87 -2.72 5.43 -8.23
C ALA A 87 -1.60 6.05 -9.07
N LEU A 88 -1.69 5.97 -10.42
CA LEU A 88 -0.70 6.48 -11.37
C LEU A 88 -1.06 7.84 -11.98
N GLN A 89 -2.29 8.33 -11.75
CA GLN A 89 -2.79 9.56 -12.35
C GLN A 89 -2.02 10.83 -12.01
N PHE A 90 -1.78 11.07 -10.70
CA PHE A 90 -1.04 12.28 -10.31
C PHE A 90 0.46 12.13 -10.57
N VAL A 91 0.96 12.79 -11.63
CA VAL A 91 2.37 12.77 -12.00
C VAL A 91 3.10 13.68 -11.03
N GLY A 92 3.78 13.07 -10.08
CA GLY A 92 4.53 13.74 -9.03
C GLY A 92 4.52 12.95 -7.74
N ARG A 93 4.61 13.65 -6.60
CA ARG A 93 4.64 12.99 -5.30
C ARG A 93 3.25 12.64 -4.78
N ASN A 94 3.02 11.35 -4.52
CA ASN A 94 1.77 10.81 -4.01
C ASN A 94 1.95 10.34 -2.57
N GLU A 95 0.86 10.43 -1.78
CA GLU A 95 0.83 10.00 -0.38
C GLU A 95 -0.27 8.96 -0.20
N ALA A 96 0.07 7.80 0.38
CA ALA A 96 -0.87 6.70 0.61
C ALA A 96 -0.58 5.92 1.90
N TYR A 97 -1.50 5.02 2.29
CA TYR A 97 -1.38 4.15 3.46
C TYR A 97 -2.19 2.86 3.28
N PHE A 98 -1.84 1.81 4.05
CA PHE A 98 -2.54 0.53 4.02
C PHE A 98 -3.40 0.34 5.26
N SER A 99 -4.69 0.06 5.06
CA SER A 99 -5.68 -0.16 6.11
C SER A 99 -6.10 -1.64 6.11
N PHE A 100 -6.10 -2.28 7.29
CA PHE A 100 -6.43 -3.69 7.45
C PHE A 100 -7.80 -3.82 8.07
N ARG A 101 -8.74 -4.44 7.34
CA ARG A 101 -10.15 -4.51 7.73
C ARG A 101 -10.77 -5.90 7.75
N LYS A 102 -11.84 -6.05 8.56
CA LYS A 102 -12.65 -7.27 8.67
C LYS A 102 -14.14 -6.92 8.51
N GLN A 103 -14.92 -7.85 7.93
CA GLN A 103 -16.33 -7.67 7.65
C GLN A 103 -17.26 -8.10 8.76
N GLU A 104 -18.18 -7.17 9.10
CA GLU A 104 -19.16 -7.34 10.17
C GLU A 104 -20.26 -6.28 10.01
N GLY A 105 -21.49 -6.74 9.81
CA GLY A 105 -22.66 -5.92 9.58
C GLY A 105 -22.88 -5.66 8.09
N GLY A 106 -22.15 -6.41 7.26
CA GLY A 106 -22.17 -6.28 5.80
C GLY A 106 -21.28 -5.19 5.26
N ARG A 107 -20.38 -4.67 6.12
CA ARG A 107 -19.44 -3.61 5.78
C ARG A 107 -18.07 -3.83 6.42
N TRP A 108 -17.00 -3.39 5.74
CA TRP A 108 -15.62 -3.52 6.19
C TRP A 108 -15.34 -2.58 7.35
N ILE A 109 -14.60 -3.07 8.36
CA ILE A 109 -14.24 -2.32 9.56
C ILE A 109 -12.74 -2.42 9.84
N GLU A 110 -12.05 -1.27 9.85
CA GLU A 110 -10.60 -1.21 10.09
C GLU A 110 -10.22 -1.57 11.51
N GLN A 111 -9.35 -2.59 11.65
CA GLN A 111 -8.82 -3.05 12.93
C GLN A 111 -7.55 -2.29 13.28
N PHE A 112 -6.76 -1.90 12.25
CA PHE A 112 -5.52 -1.12 12.34
C PHE A 112 -5.05 -0.72 10.94
N SER A 113 -4.07 0.18 10.86
CA SER A 113 -3.50 0.65 9.60
C SER A 113 -2.02 0.99 9.71
N THR A 114 -1.35 1.11 8.55
CA THR A 114 0.05 1.52 8.50
C THR A 114 0.06 3.04 8.56
N ARG A 115 1.24 3.62 8.76
CA ARG A 115 1.38 5.06 8.74
C ARG A 115 1.61 5.48 7.30
N THR A 116 1.30 6.74 6.96
CA THR A 116 1.45 7.22 5.57
C THR A 116 2.88 7.11 5.06
N PHE A 117 3.01 6.89 3.76
CA PHE A 117 4.26 6.82 3.04
C PHE A 117 4.06 7.51 1.70
N HIS A 118 5.17 7.85 1.04
CA HIS A 118 5.11 8.51 -0.24
C HIS A 118 5.70 7.67 -1.34
N TYR A 119 5.17 7.85 -2.56
CA TYR A 119 5.67 7.23 -3.78
C TYR A 119 5.60 8.27 -4.90
N ILE A 120 6.48 8.15 -5.90
CA ILE A 120 6.53 9.10 -7.00
C ILE A 120 6.06 8.51 -8.33
N VAL A 121 5.11 9.18 -8.98
CA VAL A 121 4.66 8.78 -10.31
C VAL A 121 5.39 9.69 -11.28
N GLU A 122 6.20 9.09 -12.14
CA GLU A 122 6.98 9.79 -13.15
C GLU A 122 6.36 9.63 -14.53
N LYS A 123 6.74 10.53 -15.45
CA LYS A 123 6.28 10.54 -16.84
C LYS A 123 7.43 11.01 -17.73
#